data_9G4G
#
_entry.id   9G4G
#
_cell.length_a   49.090
_cell.length_b   133.750
_cell.length_c   100.420
_cell.angle_alpha   90.000
_cell.angle_beta   90.000
_cell.angle_gamma   90.000
#
_symmetry.space_group_name_H-M   'C 2 2 21'
#
loop_
_entity.id
_entity.type
_entity.pdbx_description
1 polymer 'Endoribonuclease MazF'
2 polymer 'Nanobody 9'
3 non-polymer 'SULFATE ION'
4 water water
#
loop_
_entity_poly.entity_id
_entity_poly.type
_entity_poly.pdbx_seq_one_letter_code
_entity_poly.pdbx_strand_id
1 'polypeptide(L)'
;MGSSHHHHHHSQDPIRRGDVYLADLSPVQGSEQGGVRPVVIIQNDTGNKYSPTVIVAAITGRINKAKIPTHVEIEKKKYK
LDKDSVILLEQIRTLDKKRLKEKLTYLSDDKMKEVDNALMISLGLNAVAHQKN
;
A
2 'polypeptide(L)'
;QVQLQESGGGLVQPGGSLRLSCVVSGFTLDDYAIGWFRQAPGKEREGVSCISSSGDSTNYADSVKGRFTISRDNAKNTVY
LQMNSLKPEDTAVYYCAADPFPGVCTYASSRIYEHDYWGQGTQVTVSSHHHHHH
;
B
#
# COMPACT_ATOMS: atom_id res chain seq x y z
N ASP A 13 13.34 5.83 30.26
CA ASP A 13 12.86 4.83 31.21
C ASP A 13 11.34 4.65 31.19
N PRO A 14 10.55 5.74 31.18
CA PRO A 14 9.10 5.58 31.02
C PRO A 14 8.76 5.20 29.59
N ILE A 15 8.06 4.08 29.43
CA ILE A 15 7.64 3.60 28.12
C ILE A 15 6.26 4.18 27.83
N ARG A 16 6.14 4.96 26.76
CA ARG A 16 4.89 5.60 26.39
C ARG A 16 4.43 5.09 25.04
N ARG A 17 3.11 5.10 24.84
CA ARG A 17 2.54 4.63 23.58
C ARG A 17 2.87 5.61 22.46
N GLY A 18 3.33 5.08 21.33
CA GLY A 18 3.78 5.90 20.23
C GLY A 18 5.27 6.12 20.18
N ASP A 19 6.00 5.72 21.22
CA ASP A 19 7.45 5.87 21.23
C ASP A 19 8.09 4.84 20.30
N VAL A 20 9.16 5.25 19.63
CA VAL A 20 9.90 4.40 18.71
C VAL A 20 11.13 3.87 19.44
N TYR A 21 11.19 2.55 19.59
CA TYR A 21 12.27 1.92 20.34
C TYR A 21 13.16 1.12 19.40
N LEU A 22 13.99 0.25 19.97
CA LEU A 22 14.91 -0.57 19.19
C LEU A 22 15.16 -1.88 19.94
N ALA A 23 14.19 -2.79 19.91
CA ALA A 23 14.29 -4.00 20.70
C ALA A 23 14.95 -5.12 19.91
N ASP A 24 15.07 -6.28 20.55
CA ASP A 24 15.65 -7.47 19.94
C ASP A 24 14.51 -8.45 19.67
N LEU A 25 13.99 -8.42 18.45
CA LEU A 25 12.90 -9.32 18.07
C LEU A 25 13.36 -10.77 17.97
N SER A 26 14.65 -10.99 17.75
CA SER A 26 15.18 -12.34 17.71
C SER A 26 15.14 -12.98 19.09
N PRO A 27 14.97 -14.31 19.17
CA PRO A 27 14.74 -15.24 18.05
C PRO A 27 13.26 -15.52 17.83
N VAL A 28 12.76 -15.15 16.65
CA VAL A 28 11.35 -15.28 16.31
C VAL A 28 11.26 -15.96 14.95
N GLN A 29 10.71 -17.16 14.94
CA GLN A 29 10.61 -17.99 13.74
C GLN A 29 9.17 -17.98 13.24
N GLY A 30 9.00 -18.07 11.91
CA GLY A 30 10.10 -18.26 10.99
C GLY A 30 10.60 -17.02 10.30
N SER A 31 9.97 -16.66 9.18
CA SER A 31 10.44 -15.57 8.34
C SER A 31 10.02 -14.22 8.92
N GLU A 32 10.28 -13.16 8.16
CA GLU A 32 9.86 -11.78 8.44
C GLU A 32 10.60 -11.16 9.63
N GLN A 33 10.61 -11.83 10.78
CA GLN A 33 11.20 -11.27 11.98
C GLN A 33 12.70 -11.53 12.03
N GLY A 34 13.42 -10.65 12.71
CA GLY A 34 14.86 -10.74 12.80
C GLY A 34 15.39 -10.23 14.14
N GLY A 35 16.60 -9.66 14.11
CA GLY A 35 17.28 -9.28 15.33
C GLY A 35 16.92 -7.89 15.83
N VAL A 36 17.93 -7.13 16.23
CA VAL A 36 17.72 -5.80 16.80
C VAL A 36 17.27 -4.86 15.69
N ARG A 37 16.08 -4.29 15.85
CA ARG A 37 15.46 -3.45 14.83
C ARG A 37 14.38 -2.61 15.49
N PRO A 38 13.98 -1.50 14.87
CA PRO A 38 13.03 -0.59 15.52
C PRO A 38 11.61 -1.15 15.57
N VAL A 39 10.88 -0.70 16.60
CA VAL A 39 9.47 -0.99 16.77
C VAL A 39 8.79 0.29 17.27
N VAL A 40 7.48 0.24 17.43
CA VAL A 40 6.70 1.34 17.99
C VAL A 40 5.78 0.77 19.06
N ILE A 41 5.66 1.50 20.17
CA ILE A 41 4.88 1.03 21.31
C ILE A 41 3.40 1.29 21.05
N ILE A 42 2.60 0.22 21.03
CA ILE A 42 1.16 0.32 20.83
C ILE A 42 0.37 -0.03 22.08
N GLN A 43 1.01 -0.53 23.14
CA GLN A 43 0.31 -0.80 24.38
C GLN A 43 -0.10 0.50 25.06
N ASN A 44 -1.30 0.49 25.67
CA ASN A 44 -1.81 1.67 26.34
C ASN A 44 -0.93 2.04 27.53
N ASP A 45 -1.02 3.31 27.93
CA ASP A 45 -0.09 3.84 28.92
C ASP A 45 -0.32 3.24 30.31
N THR A 46 -1.56 2.86 30.65
CA THR A 46 -1.79 2.23 31.95
C THR A 46 -1.10 0.88 32.02
N GLY A 47 -1.16 0.10 30.94
CA GLY A 47 -0.42 -1.14 30.90
C GLY A 47 1.06 -0.94 30.67
N ASN A 48 1.43 0.18 30.04
CA ASN A 48 2.85 0.48 29.82
C ASN A 48 3.60 0.66 31.13
N LYS A 49 2.91 1.10 32.18
CA LYS A 49 3.58 1.34 33.46
C LYS A 49 3.82 0.05 34.23
N TYR A 50 2.75 -0.73 34.45
CA TYR A 50 2.78 -1.81 35.42
C TYR A 50 2.88 -3.20 34.79
N SER A 51 2.80 -3.31 33.47
CA SER A 51 2.95 -4.68 33.00
C SER A 51 4.42 -5.02 32.76
N PRO A 52 4.82 -6.27 33.01
CA PRO A 52 6.21 -6.67 32.73
C PRO A 52 6.53 -6.75 31.26
N THR A 53 5.53 -6.63 30.38
CA THR A 53 5.71 -6.74 28.95
C THR A 53 5.12 -5.53 28.26
N VAL A 54 5.37 -5.43 26.95
CA VAL A 54 4.89 -4.32 26.13
C VAL A 54 4.52 -4.87 24.77
N ILE A 55 3.49 -4.26 24.16
CA ILE A 55 3.04 -4.62 22.83
C ILE A 55 3.67 -3.68 21.83
N VAL A 56 4.30 -4.24 20.80
CA VAL A 56 5.03 -3.44 19.81
C VAL A 56 4.53 -3.79 18.42
N ALA A 57 4.62 -2.81 17.52
CA ALA A 57 4.34 -3.00 16.10
C ALA A 57 5.65 -2.87 15.33
N ALA A 58 5.81 -3.74 14.33
CA ALA A 58 7.08 -3.87 13.63
C ALA A 58 7.33 -2.69 12.69
N ILE A 59 8.61 -2.31 12.59
CA ILE A 59 9.07 -1.31 11.63
C ILE A 59 9.98 -2.03 10.63
N THR A 60 9.56 -2.09 9.38
CA THR A 60 10.30 -2.83 8.37
C THR A 60 11.15 -1.88 7.53
N GLY A 61 12.39 -2.27 7.29
CA GLY A 61 13.27 -1.58 6.37
C GLY A 61 13.27 -2.13 4.97
N ARG A 62 12.45 -3.16 4.72
CA ARG A 62 12.38 -3.76 3.40
C ARG A 62 11.58 -2.87 2.46
N ILE A 63 10.87 -3.46 1.49
CA ILE A 63 10.06 -2.72 0.52
C ILE A 63 9.16 -1.76 1.28
N ASN A 64 9.56 -0.49 1.35
CA ASN A 64 8.99 0.47 2.28
C ASN A 64 8.03 1.41 1.55
N LYS A 65 6.77 0.99 1.47
CA LYS A 65 5.68 1.83 1.02
C LYS A 65 4.38 1.19 1.49
N ALA A 66 3.41 2.02 1.85
CA ALA A 66 2.13 1.52 2.33
C ALA A 66 1.47 0.66 1.25
N LYS A 67 1.44 -0.66 1.48
CA LYS A 67 0.82 -1.58 0.53
C LYS A 67 -0.64 -1.85 0.84
N ILE A 68 -1.01 -1.82 2.12
CA ILE A 68 -2.37 -2.13 2.56
C ILE A 68 -2.79 -1.14 3.63
N PRO A 69 -4.10 -1.03 3.89
CA PRO A 69 -4.58 -0.12 4.94
C PRO A 69 -4.04 -0.41 6.33
N THR A 70 -3.40 -1.56 6.56
CA THR A 70 -2.73 -1.84 7.82
C THR A 70 -1.26 -1.43 7.80
N HIS A 71 -0.86 -0.62 6.84
CA HIS A 71 0.49 -0.07 6.77
C HIS A 71 0.43 1.44 6.98
N VAL A 72 1.41 1.97 7.70
CA VAL A 72 1.55 3.41 7.93
C VAL A 72 3.00 3.79 7.64
N GLU A 73 3.19 4.84 6.84
CA GLU A 73 4.50 5.25 6.38
C GLU A 73 5.17 6.20 7.37
N ILE A 74 6.45 5.96 7.62
CA ILE A 74 7.25 6.80 8.50
C ILE A 74 8.57 7.10 7.78
N GLU A 75 9.12 8.28 8.04
CA GLU A 75 10.23 8.80 7.27
C GLU A 75 11.49 8.83 8.11
N LYS A 76 12.64 8.63 7.46
CA LYS A 76 13.94 8.73 8.11
C LYS A 76 14.34 10.16 8.44
N LYS A 77 13.62 11.14 7.93
CA LYS A 77 13.91 12.53 8.24
C LYS A 77 13.50 12.85 9.67
N LYS A 78 12.19 12.75 9.94
CA LYS A 78 11.68 13.10 11.26
C LYS A 78 12.06 12.07 12.32
N TYR A 79 12.29 10.82 11.91
CA TYR A 79 12.54 9.73 12.85
C TYR A 79 13.92 9.15 12.60
N LYS A 80 14.62 8.81 13.69
CA LYS A 80 16.03 8.45 13.64
C LYS A 80 16.30 7.11 12.96
N LEU A 81 15.29 6.45 12.40
CA LEU A 81 15.54 5.20 11.72
C LEU A 81 16.39 5.41 10.46
N ASP A 82 16.97 4.32 9.98
CA ASP A 82 17.94 4.36 8.88
C ASP A 82 17.34 4.97 7.62
N LYS A 83 16.58 4.18 6.87
CA LYS A 83 15.97 4.63 5.63
C LYS A 83 14.45 4.61 5.77
N ASP A 84 13.79 5.30 4.84
CA ASP A 84 12.33 5.39 4.80
C ASP A 84 11.71 4.01 5.04
N SER A 85 10.76 3.95 5.97
CA SER A 85 10.25 2.67 6.46
C SER A 85 8.73 2.72 6.53
N VAL A 86 8.14 1.62 7.00
CA VAL A 86 6.69 1.46 7.10
C VAL A 86 6.37 0.70 8.38
N ILE A 87 5.33 1.15 9.09
CA ILE A 87 4.89 0.46 10.29
C ILE A 87 4.01 -0.72 9.88
N LEU A 88 4.39 -1.92 10.33
CA LEU A 88 3.65 -3.13 10.01
C LEU A 88 2.68 -3.41 11.17
N LEU A 89 1.43 -3.04 10.99
CA LEU A 89 0.40 -3.27 12.00
C LEU A 89 -0.24 -4.64 11.87
N GLU A 90 0.10 -5.41 10.84
CA GLU A 90 -0.29 -6.82 10.76
C GLU A 90 0.80 -7.74 11.27
N GLN A 91 1.90 -7.19 11.77
CA GLN A 91 3.01 -7.97 12.34
C GLN A 91 3.28 -7.41 13.73
N ILE A 92 2.76 -8.10 14.76
CA ILE A 92 2.76 -7.63 16.13
C ILE A 92 3.28 -8.72 17.05
N ARG A 93 3.93 -8.32 18.12
CA ARG A 93 4.27 -9.26 19.19
C ARG A 93 4.38 -8.50 20.50
N THR A 94 4.42 -9.25 21.59
CA THR A 94 4.53 -8.70 22.94
C THR A 94 5.88 -9.10 23.52
N LEU A 95 6.70 -8.11 23.85
CA LEU A 95 8.05 -8.31 24.35
C LEU A 95 8.11 -7.99 25.83
N ASP A 96 8.90 -8.77 26.57
CA ASP A 96 9.28 -8.36 27.91
C ASP A 96 10.10 -7.08 27.84
N LYS A 97 9.83 -6.15 28.76
CA LYS A 97 10.41 -4.81 28.69
C LYS A 97 11.93 -4.82 28.64
N LYS A 98 12.56 -5.88 29.16
CA LYS A 98 14.02 -5.96 29.12
C LYS A 98 14.58 -6.08 27.71
N ARG A 99 13.73 -6.34 26.72
CA ARG A 99 14.19 -6.47 25.34
C ARG A 99 14.37 -5.11 24.66
N LEU A 100 13.70 -4.07 25.14
CA LEU A 100 13.90 -2.73 24.59
C LEU A 100 15.32 -2.26 24.93
N LYS A 101 16.09 -1.91 23.89
CA LYS A 101 17.48 -1.47 24.08
C LYS A 101 17.53 0.02 24.33
N GLU A 102 17.26 0.81 23.29
CA GLU A 102 17.27 2.27 23.42
C GLU A 102 16.15 2.87 22.59
N LYS A 103 15.65 4.02 23.06
CA LYS A 103 14.59 4.74 22.38
C LYS A 103 15.17 5.68 21.32
N LEU A 104 14.42 5.85 20.23
CA LEU A 104 14.82 6.78 19.18
C LEU A 104 14.03 8.08 19.29
N THR A 105 12.77 8.07 18.85
CA THR A 105 11.93 9.26 18.87
C THR A 105 10.52 8.85 19.29
N TYR A 106 9.54 9.71 19.02
CA TYR A 106 8.14 9.44 19.26
C TYR A 106 7.33 9.92 18.07
N LEU A 107 6.18 9.29 17.86
CA LEU A 107 5.34 9.64 16.72
C LEU A 107 4.57 10.93 16.98
N SER A 108 4.32 11.67 15.90
CA SER A 108 3.49 12.86 15.99
C SER A 108 2.06 12.49 16.34
N ASP A 109 1.29 13.48 16.80
CA ASP A 109 -0.11 13.25 17.13
C ASP A 109 -0.90 12.81 15.91
N ASP A 110 -0.58 13.37 14.74
CA ASP A 110 -1.26 13.00 13.51
C ASP A 110 -0.81 11.63 13.01
N LYS A 111 0.48 11.32 13.16
CA LYS A 111 0.98 10.01 12.76
C LYS A 111 0.51 8.91 13.70
N MET A 112 0.21 9.24 14.96
CA MET A 112 -0.30 8.24 15.89
C MET A 112 -1.75 7.89 15.57
N LYS A 113 -2.53 8.88 15.15
CA LYS A 113 -3.89 8.60 14.71
C LYS A 113 -3.91 7.73 13.46
N GLU A 114 -2.91 7.91 12.57
CA GLU A 114 -2.77 7.02 11.43
C GLU A 114 -2.54 5.59 11.88
N VAL A 115 -1.78 5.40 12.96
CA VAL A 115 -1.56 4.07 13.51
C VAL A 115 -2.82 3.57 14.21
N ASP A 116 -3.51 4.45 14.94
CA ASP A 116 -4.70 4.04 15.67
C ASP A 116 -5.80 3.58 14.73
N ASN A 117 -5.88 4.16 13.53
CA ASN A 117 -6.91 3.76 12.57
C ASN A 117 -6.55 2.45 11.88
N ALA A 118 -5.28 2.31 11.48
CA ALA A 118 -4.87 1.08 10.82
C ALA A 118 -4.89 -0.11 11.77
N LEU A 119 -4.69 0.15 13.07
CA LEU A 119 -4.67 -0.94 14.05
C LEU A 119 -6.06 -1.51 14.27
N MET A 120 -7.09 -0.68 14.19
CA MET A 120 -8.46 -1.20 14.32
C MET A 120 -8.91 -1.96 13.08
N ILE A 121 -8.23 -1.77 11.95
CA ILE A 121 -8.58 -2.51 10.75
C ILE A 121 -8.00 -3.92 10.79
N SER A 122 -6.72 -4.03 11.13
CA SER A 122 -6.08 -5.35 11.21
C SER A 122 -6.67 -6.21 12.31
N LEU A 123 -7.31 -5.61 13.31
CA LEU A 123 -7.96 -6.36 14.37
C LEU A 123 -9.47 -6.47 14.18
N GLY A 124 -10.00 -5.88 13.11
CA GLY A 124 -11.43 -5.97 12.83
C GLY A 124 -12.29 -5.40 13.93
N LEU A 125 -11.91 -4.23 14.44
CA LEU A 125 -12.61 -3.60 15.57
C LEU A 125 -13.59 -2.54 15.13
N ASN A 126 -13.89 -2.44 13.83
CA ASN A 126 -14.81 -1.42 13.33
C ASN A 126 -16.23 -1.97 13.20
N ALA A 127 -16.93 -1.55 12.15
CA ALA A 127 -18.33 -1.93 11.90
C ALA A 127 -19.22 -1.59 13.10
N GLN B 1 11.87 -11.78 -14.73
CA GLN B 1 12.13 -11.39 -16.12
C GLN B 1 11.42 -10.08 -16.47
N VAL B 2 11.15 -9.90 -17.77
CA VAL B 2 10.47 -8.71 -18.28
C VAL B 2 9.06 -8.63 -17.68
N GLN B 3 8.40 -7.49 -17.83
CA GLN B 3 7.14 -7.28 -17.11
C GLN B 3 5.98 -6.86 -18.00
N LEU B 4 5.49 -5.64 -17.82
CA LEU B 4 4.19 -5.23 -18.32
C LEU B 4 4.30 -4.24 -19.47
N GLN B 5 3.23 -4.18 -20.27
CA GLN B 5 3.13 -3.26 -21.40
C GLN B 5 1.66 -2.94 -21.62
N GLU B 6 1.33 -1.66 -21.72
CA GLU B 6 -0.03 -1.19 -21.89
C GLU B 6 -0.30 -0.85 -23.35
N SER B 7 -1.53 -1.11 -23.79
CA SER B 7 -1.96 -0.77 -25.13
C SER B 7 -3.41 -0.29 -25.08
N GLY B 8 -3.81 0.44 -26.11
CA GLY B 8 -5.16 0.94 -26.22
C GLY B 8 -5.34 2.42 -26.01
N GLY B 9 -4.27 3.21 -25.98
CA GLY B 9 -4.40 4.64 -25.82
C GLY B 9 -4.84 5.33 -27.10
N GLY B 10 -5.30 6.57 -26.95
CA GLY B 10 -5.72 7.35 -28.10
C GLY B 10 -6.49 8.58 -27.67
N LEU B 11 -7.19 9.16 -28.64
CA LEU B 11 -7.98 10.37 -28.43
C LEU B 11 -9.47 10.03 -28.53
N VAL B 12 -10.26 10.63 -27.63
CA VAL B 12 -11.70 10.40 -27.56
C VAL B 12 -12.41 11.74 -27.43
N GLN B 13 -13.70 11.74 -27.74
CA GLN B 13 -14.56 12.87 -27.43
C GLN B 13 -15.05 12.78 -25.99
N PRO B 14 -15.47 13.91 -25.41
CA PRO B 14 -16.04 13.86 -24.05
C PRO B 14 -17.28 12.99 -24.02
N GLY B 15 -17.33 12.08 -23.05
CA GLY B 15 -18.41 11.13 -22.95
C GLY B 15 -18.20 9.82 -23.67
N GLY B 16 -17.06 9.65 -24.33
CA GLY B 16 -16.76 8.43 -25.06
C GLY B 16 -16.29 7.31 -24.15
N SER B 17 -15.79 6.26 -24.79
CA SER B 17 -15.34 5.07 -24.07
C SER B 17 -14.05 4.54 -24.71
N LEU B 18 -13.35 3.71 -23.94
CA LEU B 18 -12.08 3.13 -24.36
C LEU B 18 -11.69 2.03 -23.38
N ARG B 19 -11.00 1.02 -23.90
CA ARG B 19 -10.59 -0.14 -23.11
C ARG B 19 -9.07 -0.28 -23.18
N LEU B 20 -8.42 -0.18 -22.03
CA LEU B 20 -6.98 -0.33 -21.94
C LEU B 20 -6.62 -1.77 -21.57
N SER B 21 -5.59 -2.30 -22.23
CA SER B 21 -5.11 -3.64 -21.97
C SER B 21 -3.71 -3.59 -21.37
N CYS B 22 -3.36 -4.65 -20.65
CA CYS B 22 -2.08 -4.72 -19.93
C CYS B 22 -1.54 -6.13 -20.06
N VAL B 23 -0.54 -6.31 -20.93
CA VAL B 23 0.10 -7.61 -21.12
C VAL B 23 1.09 -7.83 -19.98
N VAL B 24 1.19 -9.07 -19.51
CA VAL B 24 2.03 -9.43 -18.38
C VAL B 24 2.99 -10.52 -18.81
N SER B 25 4.27 -10.37 -18.44
CA SER B 25 5.29 -11.37 -18.69
C SER B 25 6.16 -11.49 -17.44
N GLY B 26 6.99 -12.53 -17.43
CA GLY B 26 8.00 -12.68 -16.40
C GLY B 26 7.51 -13.04 -15.02
N PHE B 27 6.20 -13.25 -14.84
CA PHE B 27 5.67 -13.70 -13.56
C PHE B 27 4.27 -14.26 -13.78
N THR B 28 3.77 -14.95 -12.76
CA THR B 28 2.41 -15.48 -12.80
C THR B 28 1.43 -14.40 -12.38
N LEU B 29 0.41 -14.17 -13.21
CA LEU B 29 -0.58 -13.14 -12.93
C LEU B 29 -1.33 -13.40 -11.65
N ASP B 30 -1.41 -14.66 -11.20
CA ASP B 30 -2.09 -15.01 -9.97
C ASP B 30 -1.25 -14.77 -8.72
N ASP B 31 -0.01 -14.29 -8.87
CA ASP B 31 0.84 -13.98 -7.75
C ASP B 31 0.94 -12.48 -7.46
N TYR B 32 0.47 -11.64 -8.37
CA TYR B 32 0.65 -10.19 -8.27
C TYR B 32 -0.70 -9.49 -8.36
N ALA B 33 -0.85 -8.41 -7.59
CA ALA B 33 -1.96 -7.50 -7.77
C ALA B 33 -1.60 -6.48 -8.83
N ILE B 34 -2.51 -6.24 -9.76
CA ILE B 34 -2.29 -5.30 -10.86
C ILE B 34 -3.19 -4.10 -10.67
N GLY B 35 -2.59 -2.90 -10.73
CA GLY B 35 -3.35 -1.67 -10.57
C GLY B 35 -3.18 -0.74 -11.76
N TRP B 36 -4.07 0.25 -11.86
CA TRP B 36 -4.01 1.24 -12.93
C TRP B 36 -3.79 2.62 -12.33
N PHE B 37 -2.76 3.32 -12.80
CA PHE B 37 -2.37 4.62 -12.29
C PHE B 37 -2.24 5.59 -13.45
N ARG B 38 -2.86 6.76 -13.33
CA ARG B 38 -2.78 7.80 -14.34
C ARG B 38 -2.06 9.01 -13.76
N GLN B 39 -1.48 9.81 -14.64
CA GLN B 39 -0.69 10.96 -14.22
C GLN B 39 -0.87 12.08 -15.24
N ALA B 40 -1.64 13.11 -14.87
CA ALA B 40 -1.83 14.27 -15.72
C ALA B 40 -0.70 15.28 -15.50
N PRO B 41 -0.31 16.00 -16.54
CA PRO B 41 0.78 16.98 -16.38
C PRO B 41 0.41 18.06 -15.39
N GLY B 42 1.38 18.41 -14.53
CA GLY B 42 1.15 19.37 -13.48
C GLY B 42 0.48 18.81 -12.25
N LYS B 43 0.04 17.56 -12.28
CA LYS B 43 -0.64 16.92 -11.17
C LYS B 43 0.13 15.68 -10.74
N GLU B 44 -0.02 15.31 -9.48
CA GLU B 44 0.63 14.12 -8.94
C GLU B 44 -0.06 12.86 -9.45
N ARG B 45 0.70 11.77 -9.49
CA ARG B 45 0.17 10.48 -9.94
C ARG B 45 -1.06 10.10 -9.13
N GLU B 46 -2.07 9.58 -9.82
CA GLU B 46 -3.35 9.25 -9.22
C GLU B 46 -3.66 7.78 -9.46
N GLY B 47 -3.93 7.05 -8.38
CA GLY B 47 -4.38 5.68 -8.53
C GLY B 47 -5.83 5.62 -8.98
N VAL B 48 -6.12 4.67 -9.87
CA VAL B 48 -7.44 4.53 -10.48
C VAL B 48 -8.16 3.29 -9.95
N SER B 49 -7.56 2.11 -10.13
CA SER B 49 -8.20 0.87 -9.72
C SER B 49 -7.15 -0.24 -9.68
N CYS B 50 -7.43 -1.28 -8.89
CA CYS B 50 -6.55 -2.41 -8.79
C CYS B 50 -7.35 -3.70 -8.75
N ILE B 51 -6.69 -4.80 -9.12
CA ILE B 51 -7.22 -6.15 -8.98
C ILE B 51 -6.35 -6.88 -7.97
N SER B 52 -6.97 -7.78 -7.21
CA SER B 52 -6.21 -8.57 -6.25
C SER B 52 -5.36 -9.61 -6.99
N SER B 53 -4.35 -10.13 -6.28
CA SER B 53 -3.57 -11.22 -6.82
C SER B 53 -4.40 -12.47 -7.04
N SER B 54 -5.54 -12.59 -6.35
CA SER B 54 -6.48 -13.68 -6.53
C SER B 54 -7.58 -13.34 -7.53
N GLY B 55 -8.10 -12.11 -7.48
CA GLY B 55 -9.13 -11.66 -8.40
C GLY B 55 -10.50 -11.48 -7.79
N ASP B 56 -10.64 -11.68 -6.47
CA ASP B 56 -11.95 -11.59 -5.82
C ASP B 56 -12.30 -10.18 -5.37
N SER B 57 -11.32 -9.29 -5.22
CA SER B 57 -11.53 -7.96 -4.71
C SER B 57 -11.05 -6.92 -5.72
N THR B 58 -11.86 -5.87 -5.90
CA THR B 58 -11.52 -4.76 -6.78
C THR B 58 -11.83 -3.46 -6.07
N ASN B 59 -10.91 -2.52 -6.12
CA ASN B 59 -11.09 -1.19 -5.54
C ASN B 59 -10.92 -0.13 -6.62
N TYR B 60 -11.63 0.98 -6.44
CA TYR B 60 -11.56 2.10 -7.37
C TYR B 60 -11.46 3.40 -6.58
N ALA B 61 -11.14 4.48 -7.29
CA ALA B 61 -11.15 5.81 -6.70
C ALA B 61 -12.54 6.43 -6.82
N ASP B 62 -12.82 7.40 -5.93
CA ASP B 62 -14.15 7.99 -5.87
C ASP B 62 -14.54 8.65 -7.19
N SER B 63 -13.59 9.34 -7.83
CA SER B 63 -13.83 9.99 -9.11
C SER B 63 -13.91 9.02 -10.27
N VAL B 64 -14.08 7.72 -10.02
CA VAL B 64 -13.96 6.71 -11.06
C VAL B 64 -15.11 5.71 -10.97
N LYS B 65 -15.51 5.35 -9.75
CA LYS B 65 -16.52 4.32 -9.54
C LYS B 65 -17.78 4.63 -10.34
N GLY B 66 -18.31 3.60 -11.01
CA GLY B 66 -19.43 3.77 -11.91
C GLY B 66 -19.05 4.08 -13.34
N ARG B 67 -17.76 4.32 -13.61
CA ARG B 67 -17.29 4.59 -14.97
C ARG B 67 -16.24 3.57 -15.40
N PHE B 68 -15.11 3.50 -14.73
CA PHE B 68 -14.07 2.55 -15.09
C PHE B 68 -14.35 1.19 -14.45
N THR B 69 -14.03 0.12 -15.18
CA THR B 69 -14.21 -1.23 -14.71
C THR B 69 -12.95 -2.02 -14.99
N ILE B 70 -12.30 -2.51 -13.94
CA ILE B 70 -11.09 -3.31 -14.09
C ILE B 70 -11.48 -4.77 -14.25
N SER B 71 -10.74 -5.49 -15.10
CA SER B 71 -11.03 -6.88 -15.39
C SER B 71 -9.72 -7.62 -15.60
N ARG B 72 -9.74 -8.93 -15.39
CA ARG B 72 -8.54 -9.75 -15.52
C ARG B 72 -8.87 -11.03 -16.28
N ASP B 73 -7.94 -11.44 -17.14
CA ASP B 73 -8.00 -12.72 -17.84
C ASP B 73 -6.72 -13.47 -17.51
N ASN B 74 -6.81 -14.44 -16.61
CA ASN B 74 -5.62 -15.16 -16.16
C ASN B 74 -5.05 -16.06 -17.25
N ALA B 75 -5.89 -16.51 -18.19
CA ALA B 75 -5.42 -17.39 -19.24
C ALA B 75 -4.52 -16.65 -20.22
N LYS B 76 -4.69 -15.35 -20.36
CA LYS B 76 -3.90 -14.55 -21.29
C LYS B 76 -2.80 -13.74 -20.59
N ASN B 77 -2.74 -13.77 -19.26
CA ASN B 77 -1.89 -12.86 -18.50
C ASN B 77 -2.11 -11.42 -18.94
N THR B 78 -3.38 -11.05 -19.04
CA THR B 78 -3.77 -9.74 -19.56
C THR B 78 -4.82 -9.14 -18.63
N VAL B 79 -4.61 -7.88 -18.25
CA VAL B 79 -5.52 -7.14 -17.39
C VAL B 79 -6.12 -6.00 -18.18
N TYR B 80 -7.40 -5.74 -17.96
CA TYR B 80 -8.13 -4.74 -18.73
C TYR B 80 -8.68 -3.66 -17.81
N LEU B 81 -8.88 -2.46 -18.39
CA LEU B 81 -9.53 -1.35 -17.69
C LEU B 81 -10.49 -0.71 -18.68
N GLN B 82 -11.77 -1.03 -18.55
CA GLN B 82 -12.80 -0.48 -19.43
C GLN B 82 -13.17 0.91 -18.93
N MET B 83 -12.81 1.94 -19.70
CA MET B 83 -13.03 3.33 -19.32
C MET B 83 -14.23 3.87 -20.10
N ASN B 84 -15.31 4.16 -19.39
CA ASN B 84 -16.54 4.66 -19.98
C ASN B 84 -16.90 6.02 -19.37
N SER B 85 -17.81 6.72 -20.04
CA SER B 85 -18.23 8.06 -19.63
C SER B 85 -17.02 8.97 -19.45
N LEU B 86 -16.14 8.95 -20.46
CA LEU B 86 -14.85 9.61 -20.35
C LEU B 86 -15.01 11.13 -20.35
N LYS B 87 -14.54 11.77 -19.31
CA LYS B 87 -14.48 13.22 -19.17
C LYS B 87 -13.17 13.75 -19.72
N PRO B 88 -13.15 14.99 -20.20
CA PRO B 88 -11.88 15.60 -20.62
C PRO B 88 -10.85 15.69 -19.51
N GLU B 89 -11.26 15.57 -18.26
CA GLU B 89 -10.36 15.60 -17.12
C GLU B 89 -9.70 14.25 -16.85
N ASP B 90 -10.02 13.23 -17.64
CA ASP B 90 -9.36 11.94 -17.54
C ASP B 90 -8.15 11.83 -18.48
N THR B 91 -7.73 12.94 -19.08
CA THR B 91 -6.56 12.94 -19.95
C THR B 91 -5.30 12.84 -19.10
N ALA B 92 -4.57 11.74 -19.25
CA ALA B 92 -3.35 11.51 -18.48
C ALA B 92 -2.56 10.39 -19.15
N VAL B 93 -1.48 9.96 -18.51
CA VAL B 93 -0.67 8.83 -18.95
C VAL B 93 -0.96 7.69 -17.99
N TYR B 94 -1.56 6.62 -18.51
CA TYR B 94 -2.01 5.51 -17.67
C TYR B 94 -0.96 4.41 -17.65
N TYR B 95 -0.74 3.84 -16.47
CA TYR B 95 0.21 2.76 -16.28
C TYR B 95 -0.46 1.60 -15.55
N CYS B 96 -0.15 0.38 -15.97
CA CYS B 96 -0.51 -0.80 -15.19
C CYS B 96 0.72 -1.29 -14.46
N ALA B 97 0.58 -1.53 -13.16
CA ALA B 97 1.70 -1.87 -12.29
C ALA B 97 1.36 -3.10 -11.48
N ALA B 98 2.35 -3.95 -11.26
CA ALA B 98 2.20 -5.17 -10.48
C ALA B 98 2.92 -5.02 -9.15
N ASP B 99 2.44 -5.75 -8.15
CA ASP B 99 3.05 -5.71 -6.83
C ASP B 99 2.97 -7.09 -6.16
N PRO B 100 4.10 -7.67 -5.77
CA PRO B 100 4.08 -9.03 -5.21
C PRO B 100 3.82 -9.06 -3.72
N PHE B 101 2.98 -8.16 -3.22
CA PHE B 101 2.84 -8.22 -1.77
C PHE B 101 1.55 -8.93 -1.38
N PRO B 102 1.59 -9.80 -0.37
CA PRO B 102 0.39 -10.55 0.00
C PRO B 102 -0.66 -9.65 0.65
N GLY B 103 -1.88 -9.70 0.11
CA GLY B 103 -2.98 -8.93 0.65
C GLY B 103 -3.23 -7.60 -0.02
N VAL B 104 -2.49 -7.26 -1.07
CA VAL B 104 -2.69 -5.99 -1.74
C VAL B 104 -4.01 -6.01 -2.50
N CYS B 105 -4.76 -4.91 -2.40
CA CYS B 105 -6.04 -4.68 -3.06
C CYS B 105 -7.14 -5.62 -2.55
N THR B 106 -6.92 -6.29 -1.42
CA THR B 106 -7.94 -7.16 -0.85
C THR B 106 -8.91 -6.37 0.01
N TYR B 107 -8.41 -5.39 0.74
CA TYR B 107 -9.28 -4.57 1.60
C TYR B 107 -10.16 -3.64 0.77
N ALA B 108 -11.36 -3.40 1.26
CA ALA B 108 -12.30 -2.50 0.61
C ALA B 108 -11.95 -1.07 0.97
N SER B 109 -11.21 -0.40 0.09
CA SER B 109 -10.78 0.97 0.33
C SER B 109 -11.02 1.81 -0.91
N SER B 110 -11.22 3.10 -0.69
CA SER B 110 -11.35 4.07 -1.77
C SER B 110 -10.00 4.60 -2.25
N ARG B 111 -8.90 4.06 -1.72
CA ARG B 111 -7.55 4.50 -2.07
C ARG B 111 -6.75 3.28 -2.52
N ILE B 112 -6.22 3.34 -3.74
CA ILE B 112 -5.35 2.29 -4.24
C ILE B 112 -3.90 2.68 -3.97
N TYR B 113 -3.17 1.78 -3.33
CA TYR B 113 -1.80 2.06 -2.90
C TYR B 113 -0.81 1.80 -4.03
N GLU B 114 0.26 2.59 -4.04
CA GLU B 114 1.23 2.52 -5.12
C GLU B 114 1.89 1.15 -5.17
N HIS B 115 2.13 0.66 -6.38
CA HIS B 115 2.79 -0.63 -6.58
C HIS B 115 4.30 -0.43 -6.72
N ASP B 116 5.01 -1.53 -6.97
CA ASP B 116 6.46 -1.52 -7.06
C ASP B 116 7.00 -1.70 -8.47
N TYR B 117 6.45 -2.64 -9.23
CA TYR B 117 6.92 -2.92 -10.59
C TYR B 117 5.97 -2.27 -11.60
N TRP B 118 6.50 -1.36 -12.40
CA TRP B 118 5.74 -0.58 -13.36
C TRP B 118 6.07 -1.02 -14.78
N GLY B 119 5.31 -0.46 -15.74
CA GLY B 119 5.51 -0.73 -17.14
C GLY B 119 5.59 0.54 -17.94
N GLN B 120 5.69 0.38 -19.27
CA GLN B 120 5.72 1.52 -20.16
C GLN B 120 4.37 2.23 -20.17
N GLY B 121 4.41 3.55 -20.29
CA GLY B 121 3.19 4.33 -20.23
C GLY B 121 2.34 4.19 -21.48
N THR B 122 1.13 4.74 -21.40
CA THR B 122 0.24 4.88 -22.54
C THR B 122 -0.46 6.21 -22.46
N GLN B 123 -0.71 6.81 -23.62
CA GLN B 123 -1.28 8.15 -23.71
C GLN B 123 -2.77 8.07 -23.98
N VAL B 124 -3.56 8.62 -23.07
CA VAL B 124 -5.01 8.68 -23.19
C VAL B 124 -5.41 10.16 -23.18
N THR B 125 -5.89 10.65 -24.31
CA THR B 125 -6.35 12.02 -24.44
C THR B 125 -7.84 12.02 -24.74
N VAL B 126 -8.54 13.06 -24.29
CA VAL B 126 -9.96 13.20 -24.59
C VAL B 126 -10.34 14.67 -24.66
N SER B 127 -10.68 15.14 -25.86
CA SER B 127 -11.11 16.50 -26.11
C SER B 127 -11.71 16.56 -27.51
N SER B 128 -12.48 17.61 -27.77
CA SER B 128 -13.14 17.75 -29.05
C SER B 128 -12.12 17.97 -30.16
N HIS B 129 -12.31 17.27 -31.28
CA HIS B 129 -11.42 17.39 -32.43
C HIS B 129 -12.12 16.99 -33.72
#